data_3NNM
#
_entry.id   3NNM
#
_cell.length_a   87.673
_cell.length_b   87.950
_cell.length_c   157.730
_cell.angle_alpha   90.00
_cell.angle_beta   90.00
_cell.angle_gamma   90.00
#
_symmetry.space_group_name_H-M   'P 21 21 21'
#
loop_
_entity.id
_entity.type
_entity.pdbx_description
1 polymer CurA
2 non-polymer 'FORMIC ACID'
3 water water
#
_entity_poly.entity_id   1
_entity_poly.type   'polypeptide(L)'
_entity_poly.pdbx_seq_one_letter_code
;MHHHHHHSSGVDLGTENLYFQSNAMNREQVEQLKQEYEEKGYCQIKKIFDFSAIKTIQKTLDQAKQESQISKEKVTLKLG
GIDDIDTNDHAYDLVKYDFVSSFIQEKLALLNYITGKNLMIMHNALFSVEPNHKGLPWHVGVGSFSFTKTEDFGASIWIP
LDKITKEHRGGMQYVSTKIFPGQFYYSVFDLHLKNNIKWDESQGDLNEYVANANTIYNKITEDVIDYTIKDGYEEDEYNL
GDAFFFNKYVLHQSVPLKPGLHKLRRAFVIRLVDYDTRVDEERLGLFSKYSQLHSRYYKTLPRYNKDSVLVMVSRAVQKG
LKSPYLRDIPHVQQTLAARMAAGA
;
_entity_poly.pdbx_strand_id   A,B
#
# COMPACT_ATOMS: atom_id res chain seq x y z
N MET A 25 -24.04 27.06 -8.52
CA MET A 25 -24.93 26.02 -8.02
C MET A 25 -25.51 26.48 -6.69
N ASN A 26 -25.98 25.54 -5.87
CA ASN A 26 -26.62 25.86 -4.60
C ASN A 26 -25.75 26.61 -3.58
N ARG A 27 -24.46 26.26 -3.50
CA ARG A 27 -23.54 26.79 -2.49
C ARG A 27 -23.52 25.92 -1.23
N GLU A 28 -24.70 25.66 -0.68
CA GLU A 28 -24.84 24.76 0.45
C GLU A 28 -24.56 23.32 -0.01
N GLN A 29 -25.10 22.98 -1.17
CA GLN A 29 -24.84 21.69 -1.79
C GLN A 29 -23.36 21.54 -2.14
N VAL A 30 -22.79 22.55 -2.79
CA VAL A 30 -21.39 22.50 -3.16
C VAL A 30 -20.52 22.27 -1.93
N GLU A 31 -21.03 22.65 -0.76
CA GLU A 31 -20.28 22.43 0.46
C GLU A 31 -20.39 20.99 0.94
N GLN A 32 -21.59 20.42 0.83
CA GLN A 32 -21.79 19.02 1.16
C GLN A 32 -20.98 18.11 0.22
N LEU A 33 -20.92 18.47 -1.06
CA LEU A 33 -20.12 17.71 -2.01
C LEU A 33 -18.66 17.69 -1.59
N LYS A 34 -18.09 18.86 -1.30
CA LYS A 34 -16.71 18.94 -0.87
C LYS A 34 -16.52 18.06 0.35
N GLN A 35 -17.41 18.22 1.31
CA GLN A 35 -17.36 17.48 2.55
C GLN A 35 -17.33 15.97 2.30
N GLU A 36 -18.29 15.47 1.52
CA GLU A 36 -18.38 14.05 1.17
C GLU A 36 -17.13 13.49 0.50
N TYR A 37 -16.62 14.23 -0.48
CA TYR A 37 -15.46 13.76 -1.21
C TYR A 37 -14.32 13.63 -0.23
N GLU A 38 -14.28 14.55 0.73
CA GLU A 38 -13.18 14.58 1.68
C GLU A 38 -13.26 13.38 2.62
N GLU A 39 -14.48 12.91 2.86
CA GLU A 39 -14.67 11.71 3.65
C GLU A 39 -14.52 10.39 2.90
N LYS A 40 -15.10 10.31 1.70
CA LYS A 40 -15.17 9.01 1.02
C LYS A 40 -14.16 8.82 -0.11
N GLY A 41 -13.71 9.92 -0.68
CA GLY A 41 -12.90 9.84 -1.88
C GLY A 41 -13.72 10.02 -3.14
N TYR A 42 -15.04 10.23 -2.97
CA TYR A 42 -15.94 10.35 -4.11
C TYR A 42 -17.21 11.13 -3.76
N CYS A 43 -17.99 11.49 -4.78
CA CYS A 43 -19.32 12.08 -4.54
C CYS A 43 -20.19 12.05 -5.80
N GLN A 44 -21.45 11.71 -5.64
CA GLN A 44 -22.37 11.77 -6.75
C GLN A 44 -22.78 13.23 -6.93
N ILE A 45 -22.58 13.77 -8.13
CA ILE A 45 -23.04 15.11 -8.44
C ILE A 45 -24.29 15.09 -9.33
N LYS A 46 -25.44 15.42 -8.74
CA LYS A 46 -26.70 15.45 -9.48
C LYS A 46 -26.86 16.67 -10.36
N LYS A 47 -27.34 16.44 -11.58
CA LYS A 47 -27.75 17.52 -12.48
C LYS A 47 -26.63 18.46 -12.80
N ILE A 48 -25.40 17.96 -12.80
CA ILE A 48 -24.27 18.77 -13.16
C ILE A 48 -24.21 19.10 -14.66
N PHE A 49 -24.68 18.19 -15.52
CA PHE A 49 -24.73 18.50 -16.97
C PHE A 49 -26.18 18.62 -17.38
N ASP A 50 -26.43 19.33 -18.48
CA ASP A 50 -27.81 19.45 -18.96
C ASP A 50 -28.09 18.46 -20.07
N PHE A 51 -29.38 18.24 -20.35
CA PHE A 51 -29.74 17.20 -21.27
C PHE A 51 -29.17 17.45 -22.67
N SER A 52 -28.90 18.72 -22.98
CA SER A 52 -28.31 19.05 -24.25
C SER A 52 -26.86 18.53 -24.31
N ALA A 53 -26.12 18.78 -23.24
CA ALA A 53 -24.76 18.24 -23.14
C ALA A 53 -24.78 16.71 -23.23
N ILE A 54 -25.63 16.06 -22.44
CA ILE A 54 -25.78 14.61 -22.53
C ILE A 54 -26.01 14.16 -23.97
N LYS A 55 -26.99 14.76 -24.65
CA LYS A 55 -27.30 14.41 -26.03
C LYS A 55 -26.13 14.56 -27.00
N THR A 56 -25.38 15.64 -26.86
CA THR A 56 -24.22 15.85 -27.71
C THR A 56 -23.16 14.75 -27.49
N ILE A 57 -23.03 14.31 -26.24
CA ILE A 57 -22.09 13.23 -25.89
C ILE A 57 -22.56 11.88 -26.50
N GLN A 58 -23.84 11.60 -26.36
CA GLN A 58 -24.46 10.45 -27.01
C GLN A 58 -24.19 10.40 -28.49
N LYS A 59 -24.44 11.50 -29.21
CA LYS A 59 -24.24 11.51 -30.66
C LYS A 59 -22.78 11.42 -31.07
N THR A 60 -21.96 12.29 -30.48
CA THR A 60 -20.56 12.35 -30.83
C THR A 60 -19.91 10.98 -30.63
N LEU A 61 -20.16 10.39 -29.48
CA LEU A 61 -19.55 9.12 -29.14
C LEU A 61 -20.10 7.94 -29.94
N ASP A 62 -21.37 8.01 -30.31
CA ASP A 62 -21.97 7.00 -31.18
C ASP A 62 -21.26 7.04 -32.52
N GLN A 63 -21.06 8.24 -33.04
CA GLN A 63 -20.41 8.42 -34.34
C GLN A 63 -19.00 7.88 -34.28
N ALA A 64 -18.25 8.35 -33.28
CA ALA A 64 -16.87 7.90 -33.08
C ALA A 64 -16.80 6.38 -33.00
N LYS A 65 -17.76 5.80 -32.31
CA LYS A 65 -17.79 4.36 -32.08
C LYS A 65 -17.98 3.63 -33.40
N GLN A 66 -18.81 4.19 -34.27
CA GLN A 66 -19.19 3.54 -35.52
C GLN A 66 -17.99 3.33 -36.45
N GLU A 67 -17.02 4.24 -36.37
CA GLU A 67 -15.88 4.24 -37.29
C GLU A 67 -14.76 3.24 -36.97
N SER A 68 -14.35 3.15 -35.70
CA SER A 68 -13.24 2.27 -35.36
C SER A 68 -13.66 0.87 -34.93
N GLN A 69 -12.70 -0.05 -34.99
CA GLN A 69 -12.90 -1.42 -34.54
C GLN A 69 -12.00 -1.69 -33.32
N ILE A 70 -12.63 -2.11 -32.23
CA ILE A 70 -11.96 -2.18 -30.92
C ILE A 70 -12.12 -3.53 -30.21
N SER A 71 -11.03 -4.01 -29.62
CA SER A 71 -10.94 -5.33 -29.01
C SER A 71 -11.09 -5.29 -27.47
N LYS A 72 -11.17 -6.46 -26.84
CA LYS A 72 -11.27 -6.56 -25.37
C LYS A 72 -9.90 -6.74 -24.67
N GLU A 73 -8.81 -6.59 -25.43
CA GLU A 73 -7.48 -6.90 -24.90
C GLU A 73 -6.83 -5.79 -24.06
N LYS A 74 -7.07 -4.52 -24.41
CA LYS A 74 -6.43 -3.40 -23.70
C LYS A 74 -7.10 -3.06 -22.35
N VAL A 75 -8.39 -3.38 -22.24
CA VAL A 75 -9.11 -3.26 -20.96
C VAL A 75 -8.74 -4.43 -20.05
N THR A 76 -8.49 -5.58 -20.67
CA THR A 76 -8.03 -6.79 -19.96
C THR A 76 -6.62 -6.62 -19.39
N LEU A 77 -5.71 -6.07 -20.20
CA LEU A 77 -4.33 -5.80 -19.78
C LEU A 77 -4.30 -4.77 -18.64
N LYS A 78 -5.13 -3.73 -18.77
CA LYS A 78 -5.24 -2.68 -17.76
C LYS A 78 -5.62 -3.20 -16.37
N LEU A 79 -6.55 -4.13 -16.30
CA LEU A 79 -6.90 -4.73 -15.00
C LEU A 79 -6.07 -6.01 -14.69
N GLY A 80 -4.90 -6.11 -15.33
CA GLY A 80 -3.91 -7.13 -14.98
C GLY A 80 -3.96 -8.44 -15.74
N GLY A 81 -4.66 -8.46 -16.87
CA GLY A 81 -4.75 -9.64 -17.71
C GLY A 81 -5.61 -10.73 -17.10
N ILE A 82 -6.44 -10.35 -16.12
CA ILE A 82 -7.24 -11.31 -15.35
C ILE A 82 -8.44 -11.88 -16.11
N ASP A 83 -8.92 -11.16 -17.12
CA ASP A 83 -9.95 -11.70 -18.01
C ASP A 83 -11.26 -12.08 -17.29
N ASP A 84 -11.71 -11.18 -16.41
CA ASP A 84 -13.06 -11.24 -15.89
C ASP A 84 -13.82 -9.96 -16.31
N ILE A 85 -13.27 -9.25 -17.31
CA ILE A 85 -13.95 -8.10 -17.88
C ILE A 85 -15.14 -8.54 -18.76
N ASP A 86 -16.33 -8.04 -18.45
CA ASP A 86 -17.56 -8.47 -19.11
C ASP A 86 -18.36 -7.26 -19.65
N THR A 87 -17.68 -6.34 -20.34
CA THR A 87 -18.34 -5.20 -20.95
C THR A 87 -18.51 -5.37 -22.45
N ASN A 88 -19.26 -4.46 -23.06
CA ASN A 88 -19.52 -4.43 -24.50
C ASN A 88 -18.61 -3.42 -25.22
N ASP A 89 -18.70 -2.16 -24.79
CA ASP A 89 -17.76 -1.14 -25.20
C ASP A 89 -16.72 -0.95 -24.10
N HIS A 90 -15.47 -0.78 -24.53
CA HIS A 90 -14.36 -0.49 -23.65
C HIS A 90 -13.39 0.22 -24.57
N ALA A 91 -13.76 1.44 -24.95
CA ALA A 91 -12.97 2.20 -25.90
C ALA A 91 -12.25 3.41 -25.27
N TYR A 92 -10.95 3.48 -25.49
CA TYR A 92 -10.16 4.58 -24.93
C TYR A 92 -9.93 5.71 -25.93
N ASP A 93 -10.16 6.94 -25.49
CA ASP A 93 -9.85 8.11 -26.30
C ASP A 93 -10.50 8.09 -27.69
N LEU A 94 -11.82 7.93 -27.73
CA LEU A 94 -12.56 8.00 -28.99
C LEU A 94 -12.68 9.45 -29.46
N VAL A 95 -12.71 10.38 -28.50
CA VAL A 95 -12.76 11.80 -28.79
C VAL A 95 -11.61 12.56 -28.12
N LYS A 96 -11.27 13.72 -28.67
CA LYS A 96 -10.11 14.50 -28.22
C LYS A 96 -10.36 15.40 -27.01
N TYR A 97 -9.28 16.03 -26.54
CA TYR A 97 -9.35 16.89 -25.36
C TYR A 97 -10.26 18.09 -25.61
N ASP A 98 -10.34 18.53 -26.87
CA ASP A 98 -11.08 19.75 -27.19
C ASP A 98 -12.59 19.54 -27.16
N PHE A 99 -13.04 18.41 -27.68
CA PHE A 99 -14.45 18.04 -27.51
C PHE A 99 -14.82 17.98 -26.04
N VAL A 100 -13.98 17.32 -25.25
CA VAL A 100 -14.25 17.12 -23.84
C VAL A 100 -14.28 18.44 -23.09
N SER A 101 -13.32 19.32 -23.41
CA SER A 101 -13.19 20.60 -22.72
C SER A 101 -14.45 21.43 -22.92
N SER A 102 -14.99 21.27 -24.12
CA SER A 102 -16.21 21.92 -24.56
C SER A 102 -17.39 21.78 -23.58
N PHE A 103 -17.44 20.72 -22.80
CA PHE A 103 -18.53 20.58 -21.84
C PHE A 103 -18.01 20.34 -20.43
N ILE A 104 -16.72 20.09 -20.32
CA ILE A 104 -16.13 19.78 -19.02
C ILE A 104 -15.48 21.00 -18.39
N GLN A 105 -14.88 21.86 -19.20
CA GLN A 105 -14.05 22.95 -18.67
C GLN A 105 -14.81 23.88 -17.75
N GLU A 106 -16.06 24.18 -18.09
CA GLU A 106 -16.89 25.04 -17.24
C GLU A 106 -17.22 24.39 -15.90
N LYS A 107 -16.76 23.16 -15.71
CA LYS A 107 -17.06 22.41 -14.49
C LYS A 107 -15.81 22.21 -13.63
N LEU A 108 -14.64 22.41 -14.22
CA LEU A 108 -13.38 22.22 -13.48
C LEU A 108 -13.29 23.06 -12.20
N ALA A 109 -13.95 24.22 -12.20
CA ALA A 109 -13.99 25.04 -10.99
C ALA A 109 -14.61 24.27 -9.82
N LEU A 110 -15.81 23.74 -10.04
CA LEU A 110 -16.50 22.94 -9.02
C LEU A 110 -15.63 21.79 -8.52
N LEU A 111 -14.90 21.17 -9.43
CA LEU A 111 -14.11 19.98 -9.10
C LEU A 111 -12.83 20.35 -8.39
N ASN A 112 -12.12 21.32 -8.94
CA ASN A 112 -10.94 21.89 -8.30
C ASN A 112 -11.25 22.28 -6.87
N TYR A 113 -12.43 22.87 -6.67
CA TYR A 113 -12.86 23.25 -5.33
C TYR A 113 -13.08 22.04 -4.45
N ILE A 114 -13.94 21.13 -4.93
CA ILE A 114 -14.28 19.90 -4.21
C ILE A 114 -13.05 19.13 -3.74
N THR A 115 -11.97 19.18 -4.52
CA THR A 115 -10.77 18.40 -4.25
C THR A 115 -9.58 19.22 -3.74
N GLY A 116 -9.65 20.54 -3.87
CA GLY A 116 -8.53 21.40 -3.49
C GLY A 116 -7.32 21.15 -4.36
N LYS A 117 -7.54 20.63 -5.56
CA LYS A 117 -6.46 20.38 -6.49
C LYS A 117 -6.64 21.28 -7.69
N ASN A 118 -5.71 21.17 -8.64
CA ASN A 118 -5.80 21.97 -9.86
C ASN A 118 -5.85 21.04 -11.08
N LEU A 119 -7.07 20.75 -11.55
CA LEU A 119 -7.32 19.60 -12.44
C LEU A 119 -7.06 19.83 -13.93
N MET A 120 -6.39 18.87 -14.56
CA MET A 120 -6.19 18.87 -16.01
C MET A 120 -6.98 17.74 -16.70
N ILE A 121 -7.75 18.08 -17.73
CA ILE A 121 -8.38 17.06 -18.54
C ILE A 121 -7.30 16.23 -19.23
N MET A 122 -7.35 14.91 -19.08
CA MET A 122 -6.37 14.07 -19.77
C MET A 122 -7.01 13.13 -20.79
N HIS A 123 -7.20 11.88 -20.42
CA HIS A 123 -7.73 10.88 -21.34
C HIS A 123 -9.16 10.51 -20.97
N ASN A 124 -9.78 9.68 -21.78
CA ASN A 124 -11.17 9.31 -21.54
C ASN A 124 -11.45 7.87 -21.97
N ALA A 125 -12.64 7.38 -21.65
CA ALA A 125 -13.01 6.00 -21.96
C ALA A 125 -14.52 5.88 -22.09
N LEU A 126 -14.96 5.01 -23.00
CA LEU A 126 -16.39 4.72 -23.11
C LEU A 126 -16.62 3.26 -22.74
N PHE A 127 -17.49 3.02 -21.78
CA PHE A 127 -17.85 1.65 -21.36
C PHE A 127 -19.34 1.45 -21.56
N SER A 128 -19.71 0.26 -22.00
CA SER A 128 -21.13 -0.08 -22.05
C SER A 128 -21.32 -1.53 -21.62
N VAL A 129 -22.49 -1.85 -21.08
CA VAL A 129 -22.82 -3.21 -20.71
C VAL A 129 -24.20 -3.56 -21.26
N GLU A 130 -24.39 -4.82 -21.64
CA GLU A 130 -25.72 -5.33 -22.00
C GLU A 130 -26.36 -5.96 -20.78
N PRO A 131 -27.68 -6.19 -20.85
CA PRO A 131 -28.36 -6.78 -19.70
C PRO A 131 -27.74 -8.11 -19.32
N ASN A 132 -27.68 -8.36 -18.01
CA ASN A 132 -27.11 -9.58 -17.45
C ASN A 132 -25.63 -9.81 -17.75
N HIS A 133 -24.83 -8.75 -17.64
CA HIS A 133 -23.38 -8.89 -17.75
C HIS A 133 -22.70 -8.25 -16.55
N LYS A 134 -21.57 -8.82 -16.16
CA LYS A 134 -20.87 -8.35 -14.99
C LYS A 134 -20.24 -6.96 -15.19
N GLY A 135 -19.98 -6.60 -16.44
CA GLY A 135 -19.28 -5.36 -16.71
C GLY A 135 -17.89 -5.43 -16.10
N LEU A 136 -17.43 -4.31 -15.55
CA LEU A 136 -16.14 -4.27 -14.86
C LEU A 136 -16.22 -4.86 -13.46
N PRO A 137 -15.17 -5.58 -13.08
CA PRO A 137 -15.02 -6.17 -11.75
C PRO A 137 -14.49 -5.15 -10.76
N TRP A 138 -14.44 -5.50 -9.48
CA TRP A 138 -13.94 -4.58 -8.48
C TRP A 138 -12.54 -4.18 -8.86
N HIS A 139 -12.23 -2.90 -8.74
CA HIS A 139 -10.91 -2.42 -9.14
C HIS A 139 -10.68 -1.00 -8.64
N VAL A 140 -9.43 -0.52 -8.78
CA VAL A 140 -9.11 0.88 -8.54
C VAL A 140 -8.49 1.45 -9.81
N GLY A 141 -8.15 2.73 -9.80
CA GLY A 141 -7.61 3.36 -10.99
C GLY A 141 -6.24 2.92 -11.45
N VAL A 142 -5.72 1.80 -10.96
CA VAL A 142 -4.35 1.41 -11.33
C VAL A 142 -4.18 1.10 -12.83
N GLY A 143 -5.26 0.73 -13.50
CA GLY A 143 -5.20 0.54 -14.94
C GLY A 143 -5.27 1.87 -15.66
N SER A 144 -6.31 2.64 -15.33
CA SER A 144 -6.54 3.96 -15.92
C SER A 144 -5.37 4.96 -15.78
N PHE A 145 -4.73 4.96 -14.62
CA PHE A 145 -3.65 5.91 -14.35
C PHE A 145 -2.28 5.25 -14.31
N SER A 146 -2.08 4.23 -15.12
CA SER A 146 -0.83 3.47 -15.10
C SER A 146 0.41 4.31 -15.36
N PHE A 147 0.32 5.28 -16.26
CA PHE A 147 1.52 6.03 -16.63
C PHE A 147 1.82 7.18 -15.68
N THR A 148 1.07 7.29 -14.59
CA THR A 148 1.37 8.32 -13.59
C THR A 148 1.84 7.76 -12.25
N LYS A 149 2.45 8.62 -11.44
CA LYS A 149 2.93 8.21 -10.14
C LYS A 149 1.77 7.94 -9.21
N THR A 150 1.83 6.77 -8.58
CA THR A 150 0.83 6.32 -7.62
C THR A 150 0.38 7.40 -6.64
N GLU A 151 1.35 8.13 -6.09
CA GLU A 151 1.08 9.07 -5.02
C GLU A 151 0.62 10.45 -5.52
N ASP A 152 0.67 10.66 -6.84
CA ASP A 152 0.16 11.88 -7.45
C ASP A 152 -1.30 11.73 -7.78
N PHE A 153 -2.01 12.85 -7.90
CA PHE A 153 -3.46 12.83 -7.95
C PHE A 153 -4.07 12.30 -9.24
N GLY A 154 -5.29 11.80 -9.13
CA GLY A 154 -6.02 11.28 -10.27
C GLY A 154 -7.46 11.14 -9.84
N ALA A 155 -8.38 11.52 -10.72
CA ALA A 155 -9.79 11.37 -10.43
C ALA A 155 -10.53 11.22 -11.74
N SER A 156 -11.81 10.90 -11.65
CA SER A 156 -12.57 10.56 -12.84
C SER A 156 -13.96 11.13 -12.72
N ILE A 157 -14.55 11.40 -13.87
CA ILE A 157 -15.97 11.72 -13.94
C ILE A 157 -16.61 10.66 -14.80
N TRP A 158 -17.54 9.94 -14.18
CA TRP A 158 -18.28 8.89 -14.87
C TRP A 158 -19.64 9.48 -15.20
N ILE A 159 -19.92 9.64 -16.49
CA ILE A 159 -21.20 10.18 -16.94
C ILE A 159 -22.05 9.10 -17.56
N PRO A 160 -23.07 8.63 -16.83
CA PRO A 160 -23.95 7.62 -17.42
C PRO A 160 -24.72 8.23 -18.58
N LEU A 161 -24.79 7.55 -19.72
CA LEU A 161 -25.55 8.06 -20.87
C LEU A 161 -26.87 7.34 -21.01
N ASP A 162 -27.22 6.55 -19.99
CA ASP A 162 -28.47 5.82 -19.97
C ASP A 162 -28.91 5.74 -18.52
N LYS A 163 -30.18 5.98 -18.26
CA LYS A 163 -30.66 6.11 -16.92
C LYS A 163 -30.30 4.91 -16.03
N ILE A 164 -29.81 5.17 -14.82
CA ILE A 164 -29.61 4.13 -13.83
C ILE A 164 -30.69 4.22 -12.74
N THR A 165 -31.53 3.18 -12.66
CA THR A 165 -32.70 3.18 -11.78
C THR A 165 -32.64 2.05 -10.76
N LYS A 166 -33.45 2.16 -9.73
CA LYS A 166 -33.45 1.17 -8.65
C LYS A 166 -33.86 -0.22 -9.14
N GLU A 167 -34.75 -0.29 -10.12
CA GLU A 167 -35.26 -1.58 -10.63
C GLU A 167 -34.39 -2.24 -11.67
N HIS A 168 -33.57 -1.47 -12.38
CA HIS A 168 -32.83 -2.06 -13.49
C HIS A 168 -31.32 -1.99 -13.30
N ARG A 169 -30.90 -1.16 -12.36
CA ARG A 169 -29.50 -1.04 -12.00
C ARG A 169 -28.59 -0.90 -13.22
N GLY A 170 -27.54 -1.71 -13.31
CA GLY A 170 -26.61 -1.56 -14.41
C GLY A 170 -25.67 -0.40 -14.18
N GLY A 171 -25.73 0.17 -12.98
CA GLY A 171 -24.85 1.28 -12.64
C GLY A 171 -23.49 0.84 -12.09
N MET A 172 -23.10 1.43 -10.96
CA MET A 172 -21.84 1.12 -10.32
C MET A 172 -21.97 0.97 -8.82
N GLN A 173 -21.02 0.28 -8.21
CA GLN A 173 -20.90 0.26 -6.76
C GLN A 173 -19.55 0.82 -6.42
N TYR A 174 -19.48 1.56 -5.32
CA TYR A 174 -18.25 2.24 -4.95
C TYR A 174 -18.07 2.25 -3.43
N VAL A 175 -16.81 2.27 -2.99
CA VAL A 175 -16.50 2.09 -1.58
C VAL A 175 -15.67 3.26 -1.08
N SER A 176 -16.04 3.81 0.07
CA SER A 176 -15.31 4.93 0.67
C SER A 176 -13.85 4.59 0.89
N THR A 177 -12.94 5.49 0.51
CA THR A 177 -11.53 5.25 0.79
C THR A 177 -11.31 5.09 2.30
N LYS A 178 -12.27 5.53 3.08
CA LYS A 178 -12.23 5.33 4.53
C LYS A 178 -12.22 3.82 4.81
N ILE A 179 -13.12 3.09 4.15
CA ILE A 179 -13.24 1.64 4.30
C ILE A 179 -12.18 0.83 3.54
N PHE A 180 -11.78 1.30 2.37
CA PHE A 180 -10.84 0.57 1.54
C PHE A 180 -9.92 1.58 0.89
N PRO A 181 -8.76 1.81 1.51
CA PRO A 181 -7.84 2.83 0.99
C PRO A 181 -7.01 2.22 -0.13
N GLY A 182 -7.49 2.39 -1.36
CA GLY A 182 -6.98 1.70 -2.51
C GLY A 182 -5.54 1.93 -2.87
N GLN A 183 -4.93 2.99 -2.36
CA GLN A 183 -3.51 3.23 -2.65
C GLN A 183 -2.63 1.97 -2.53
N PHE A 184 -2.86 1.15 -1.50
CA PHE A 184 -2.06 -0.05 -1.31
C PHE A 184 -2.19 -1.03 -2.50
N TYR A 185 -3.34 -0.98 -3.15
CA TYR A 185 -3.64 -1.86 -4.28
C TYR A 185 -2.66 -1.66 -5.45
N TYR A 186 -2.18 -0.43 -5.60
CA TYR A 186 -1.20 -0.11 -6.64
C TYR A 186 0.08 -0.93 -6.52
N SER A 187 0.58 -1.13 -5.30
CA SER A 187 1.80 -1.94 -5.11
C SER A 187 1.59 -3.42 -5.37
N VAL A 188 0.49 -3.94 -4.84
CA VAL A 188 0.13 -5.33 -5.03
C VAL A 188 0.06 -5.60 -6.51
N PHE A 189 -0.61 -4.69 -7.22
CA PHE A 189 -0.76 -4.81 -8.65
C PHE A 189 0.60 -4.87 -9.36
N ASP A 190 1.45 -3.88 -9.09
CA ASP A 190 2.77 -3.86 -9.73
C ASP A 190 3.54 -5.15 -9.47
N LEU A 191 3.44 -5.71 -8.27
CA LEU A 191 4.09 -7.00 -8.00
C LEU A 191 3.55 -8.07 -8.94
N HIS A 192 2.25 -8.01 -9.21
CA HIS A 192 1.59 -8.97 -10.08
C HIS A 192 2.08 -8.84 -11.51
N LEU A 193 2.11 -7.60 -11.99
CA LEU A 193 2.64 -7.27 -13.30
C LEU A 193 4.08 -7.76 -13.47
N LYS A 194 4.93 -7.47 -12.49
CA LYS A 194 6.33 -7.91 -12.55
C LYS A 194 6.42 -9.41 -12.73
N ASN A 195 5.45 -10.13 -12.18
CA ASN A 195 5.38 -11.58 -12.33
C ASN A 195 4.91 -12.01 -13.75
N ASN A 196 3.87 -11.35 -14.26
CA ASN A 196 3.42 -11.55 -15.65
C ASN A 196 4.62 -11.59 -16.60
N ILE A 197 5.42 -10.54 -16.57
CA ILE A 197 6.63 -10.38 -17.37
C ILE A 197 7.69 -11.51 -17.23
N LYS A 198 7.60 -12.33 -16.20
CA LYS A 198 8.52 -13.45 -16.06
C LYS A 198 7.97 -14.69 -16.72
N TRP A 199 7.01 -14.51 -17.62
CA TRP A 199 6.36 -15.65 -18.24
C TRP A 199 7.26 -16.23 -19.28
N ASP A 200 7.02 -17.50 -19.58
CA ASP A 200 7.91 -18.24 -20.45
C ASP A 200 7.16 -19.23 -21.34
N GLU A 201 7.73 -19.54 -22.50
CA GLU A 201 7.17 -20.57 -23.37
C GLU A 201 6.94 -21.83 -22.54
N SER A 202 7.99 -22.24 -21.84
CA SER A 202 7.96 -23.40 -20.95
C SER A 202 6.75 -23.41 -20.01
N GLN A 203 6.24 -22.22 -19.68
CA GLN A 203 5.20 -22.08 -18.67
C GLN A 203 3.80 -22.41 -19.21
N GLY A 204 3.65 -22.37 -20.53
CA GLY A 204 2.39 -22.71 -21.15
C GLY A 204 1.64 -21.48 -21.62
N ASP A 205 0.31 -21.61 -21.73
CA ASP A 205 -0.53 -20.50 -22.11
C ASP A 205 -0.29 -19.28 -21.22
N LEU A 206 0.07 -18.15 -21.83
CA LEU A 206 0.25 -16.89 -21.12
C LEU A 206 -0.92 -16.48 -20.22
N ASN A 207 -2.13 -16.39 -20.75
CA ASN A 207 -3.29 -15.98 -19.96
C ASN A 207 -3.56 -16.93 -18.80
N GLU A 208 -3.27 -18.21 -19.00
CA GLU A 208 -3.52 -19.17 -17.93
C GLU A 208 -2.47 -19.02 -16.83
N TYR A 209 -1.22 -18.88 -17.25
CA TYR A 209 -0.17 -18.54 -16.32
C TYR A 209 -0.62 -17.34 -15.48
N VAL A 210 -0.73 -16.17 -16.10
CA VAL A 210 -1.11 -14.95 -15.40
C VAL A 210 -2.28 -15.16 -14.46
N ALA A 211 -3.24 -16.00 -14.84
CA ALA A 211 -4.47 -16.15 -14.07
C ALA A 211 -4.37 -17.10 -12.86
N ASN A 212 -3.37 -17.97 -12.85
CA ASN A 212 -3.20 -18.91 -11.75
C ASN A 212 -1.88 -18.68 -11.00
N ALA A 213 -1.15 -17.65 -11.40
CA ALA A 213 0.05 -17.27 -10.68
C ALA A 213 -0.38 -17.01 -9.25
N ASN A 214 0.44 -17.47 -8.30
CA ASN A 214 0.08 -17.35 -6.90
C ASN A 214 0.53 -15.99 -6.34
N THR A 215 0.27 -14.92 -7.08
CA THR A 215 0.62 -13.59 -6.63
C THR A 215 -0.38 -13.10 -5.58
N ILE A 216 -0.03 -12.02 -4.89
CA ILE A 216 -0.93 -11.44 -3.90
C ILE A 216 -2.17 -10.90 -4.58
N TYR A 217 -1.98 -10.25 -5.72
CA TYR A 217 -3.07 -9.77 -6.53
C TYR A 217 -4.10 -10.87 -6.80
N ASN A 218 -3.62 -12.08 -7.05
CA ASN A 218 -4.51 -13.19 -7.36
C ASN A 218 -5.26 -13.75 -6.17
N LYS A 219 -4.73 -13.55 -4.97
CA LYS A 219 -5.41 -14.01 -3.76
C LYS A 219 -6.58 -13.09 -3.43
N ILE A 220 -6.48 -11.83 -3.82
CA ILE A 220 -7.54 -10.86 -3.55
C ILE A 220 -8.69 -11.08 -4.52
N THR A 221 -9.60 -11.95 -4.10
CA THR A 221 -10.73 -12.36 -4.91
C THR A 221 -12.00 -11.61 -4.50
N GLU A 222 -13.10 -11.87 -5.19
CA GLU A 222 -14.33 -11.15 -4.86
C GLU A 222 -14.82 -11.55 -3.47
N ASP A 223 -14.58 -12.79 -3.10
CA ASP A 223 -14.95 -13.24 -1.77
C ASP A 223 -14.21 -12.42 -0.71
N VAL A 224 -12.91 -12.23 -0.95
CA VAL A 224 -12.08 -11.46 -0.04
C VAL A 224 -12.47 -9.99 0.00
N ILE A 225 -12.76 -9.41 -1.16
CA ILE A 225 -13.25 -8.04 -1.23
C ILE A 225 -14.55 -7.89 -0.43
N ASP A 226 -15.51 -8.77 -0.71
CA ASP A 226 -16.77 -8.75 0.02
C ASP A 226 -16.55 -8.84 1.52
N TYR A 227 -15.64 -9.71 1.94
CA TYR A 227 -15.41 -9.89 3.35
C TYR A 227 -14.77 -8.63 3.91
N THR A 228 -13.91 -8.00 3.11
CA THR A 228 -13.29 -6.75 3.50
C THR A 228 -14.27 -5.59 3.64
N ILE A 229 -15.15 -5.37 2.65
CA ILE A 229 -16.03 -4.18 2.68
C ILE A 229 -17.43 -4.39 3.22
N LYS A 230 -17.83 -5.65 3.39
CA LYS A 230 -19.18 -5.99 3.80
C LYS A 230 -20.15 -5.25 2.92
N ASP A 231 -21.07 -4.51 3.55
CA ASP A 231 -22.06 -3.70 2.85
C ASP A 231 -21.68 -2.23 2.79
N GLY A 232 -20.40 -1.92 2.98
CA GLY A 232 -19.97 -0.54 3.04
C GLY A 232 -20.02 0.18 1.69
N TYR A 233 -20.06 -0.58 0.61
CA TYR A 233 -20.18 0.01 -0.71
C TYR A 233 -21.48 0.80 -0.83
N GLU A 234 -21.53 1.73 -1.79
CA GLU A 234 -22.79 2.40 -2.11
C GLU A 234 -23.14 2.25 -3.59
N GLU A 235 -24.41 2.46 -3.90
CA GLU A 235 -24.89 2.31 -5.24
C GLU A 235 -26.10 3.21 -5.41
N ASP A 236 -25.94 4.27 -6.22
CA ASP A 236 -26.96 5.31 -6.34
C ASP A 236 -27.74 5.23 -7.64
N GLU A 237 -28.87 5.92 -7.73
CA GLU A 237 -29.55 6.05 -9.01
C GLU A 237 -29.11 7.31 -9.72
N TYR A 238 -29.22 7.31 -11.04
CA TYR A 238 -28.72 8.42 -11.85
C TYR A 238 -29.69 8.75 -12.96
N ASN A 239 -30.17 9.99 -12.98
CA ASN A 239 -30.88 10.47 -14.16
C ASN A 239 -29.85 11.09 -15.07
N LEU A 240 -30.16 11.18 -16.36
CA LEU A 240 -29.21 11.74 -17.32
C LEU A 240 -28.84 13.15 -16.86
N GLY A 241 -27.56 13.45 -16.81
CA GLY A 241 -27.13 14.74 -16.30
C GLY A 241 -26.47 14.63 -14.95
N ASP A 242 -26.77 13.55 -14.23
CA ASP A 242 -26.01 13.18 -13.02
C ASP A 242 -24.65 12.61 -13.41
N ALA A 243 -23.65 12.76 -12.55
CA ALA A 243 -22.37 12.10 -12.78
C ALA A 243 -21.80 11.63 -11.46
N PHE A 244 -20.81 10.74 -11.54
CA PHE A 244 -20.14 10.24 -10.34
C PHE A 244 -18.69 10.69 -10.40
N PHE A 245 -18.26 11.38 -9.36
CA PHE A 245 -16.88 11.88 -9.29
C PHE A 245 -16.11 11.09 -8.24
N PHE A 246 -14.91 10.61 -8.59
CA PHE A 246 -14.16 9.74 -7.66
C PHE A 246 -12.66 9.72 -7.92
N ASN A 247 -11.84 9.75 -6.85
CA ASN A 247 -10.40 9.69 -7.03
C ASN A 247 -9.92 8.26 -7.37
N LYS A 248 -8.65 8.13 -7.74
CA LYS A 248 -8.16 6.88 -8.29
C LYS A 248 -7.89 5.80 -7.25
N TYR A 249 -8.27 6.07 -6.01
CA TYR A 249 -8.11 5.09 -4.94
C TYR A 249 -9.45 4.48 -4.51
N VAL A 250 -10.56 4.95 -5.09
CA VAL A 250 -11.86 4.38 -4.79
C VAL A 250 -12.04 3.02 -5.47
N LEU A 251 -12.33 1.99 -4.67
CA LEU A 251 -12.67 0.68 -5.20
C LEU A 251 -14.11 0.69 -5.77
N HIS A 252 -14.26 0.25 -7.01
CA HIS A 252 -15.57 0.34 -7.67
C HIS A 252 -15.71 -0.75 -8.74
N GLN A 253 -16.94 -1.05 -9.10
CA GLN A 253 -17.24 -2.04 -10.14
C GLN A 253 -18.58 -1.74 -10.83
N SER A 254 -18.82 -2.39 -11.97
CA SER A 254 -20.11 -2.33 -12.64
C SER A 254 -21.04 -3.32 -11.98
N VAL A 255 -22.33 -3.02 -12.01
CA VAL A 255 -23.40 -3.85 -11.48
C VAL A 255 -24.17 -4.34 -12.69
N PRO A 256 -24.69 -5.57 -12.67
CA PRO A 256 -25.42 -6.02 -13.87
C PRO A 256 -26.69 -5.23 -14.14
N LEU A 257 -26.94 -5.00 -15.43
CA LEU A 257 -28.17 -4.36 -15.90
C LEU A 257 -29.29 -5.40 -16.00
N LYS A 258 -30.40 -5.19 -15.31
CA LYS A 258 -31.57 -6.05 -15.54
C LYS A 258 -32.32 -5.67 -16.83
N PRO A 259 -32.75 -6.68 -17.62
CA PRO A 259 -33.42 -6.44 -18.91
C PRO A 259 -34.77 -5.75 -18.77
N GLY A 260 -35.20 -5.08 -19.83
CA GLY A 260 -36.54 -4.51 -19.91
C GLY A 260 -36.58 -2.99 -19.92
N LEU A 261 -35.42 -2.36 -20.13
CA LEU A 261 -35.28 -0.91 -20.07
C LEU A 261 -34.31 -0.41 -21.14
N HIS A 262 -33.03 -0.72 -20.98
CA HIS A 262 -32.05 -0.41 -22.00
C HIS A 262 -31.58 -1.67 -22.70
N LYS A 263 -31.39 -1.58 -24.00
CA LYS A 263 -30.72 -2.62 -24.76
C LYS A 263 -29.25 -2.58 -24.38
N LEU A 264 -28.82 -1.46 -23.84
CA LEU A 264 -27.39 -1.20 -23.65
C LEU A 264 -27.25 0.06 -22.80
N ARG A 265 -26.48 -0.01 -21.70
CA ARG A 265 -26.18 1.22 -21.00
C ARG A 265 -24.72 1.64 -21.14
N ARG A 266 -24.49 2.91 -21.45
CA ARG A 266 -23.16 3.41 -21.72
C ARG A 266 -22.75 4.40 -20.66
N ALA A 267 -21.46 4.50 -20.43
CA ALA A 267 -20.98 5.60 -19.62
C ALA A 267 -19.79 6.17 -20.34
N PHE A 268 -19.70 7.48 -20.32
CA PHE A 268 -18.53 8.15 -20.81
C PHE A 268 -17.78 8.57 -19.56
N VAL A 269 -16.48 8.33 -19.57
CA VAL A 269 -15.65 8.58 -18.41
C VAL A 269 -14.45 9.49 -18.74
N ILE A 270 -14.38 10.62 -18.03
CA ILE A 270 -13.28 11.55 -18.21
C ILE A 270 -12.22 11.37 -17.11
N ARG A 271 -10.96 11.14 -17.50
CA ARG A 271 -9.86 11.09 -16.52
C ARG A 271 -9.18 12.46 -16.33
N LEU A 272 -9.02 12.83 -15.06
CA LEU A 272 -8.38 14.08 -14.67
C LEU A 272 -7.10 13.82 -13.86
N VAL A 273 -6.13 14.71 -14.01
CA VAL A 273 -4.93 14.72 -13.16
C VAL A 273 -4.75 16.07 -12.49
N ASP A 274 -3.67 16.22 -11.72
CA ASP A 274 -3.33 17.51 -11.14
C ASP A 274 -2.24 18.20 -11.97
N TYR A 275 -2.26 19.53 -11.95
CA TYR A 275 -1.20 20.35 -12.56
C TYR A 275 0.22 19.77 -12.32
N ASP A 276 0.42 19.10 -11.17
CA ASP A 276 1.74 18.59 -10.77
C ASP A 276 1.95 17.08 -10.95
N THR A 277 0.94 16.37 -11.45
CA THR A 277 1.03 14.94 -11.62
C THR A 277 2.17 14.57 -12.55
N ARG A 278 3.00 13.65 -12.08
CA ARG A 278 4.18 13.27 -12.82
C ARG A 278 4.01 11.94 -13.49
N VAL A 279 4.76 11.72 -14.55
CA VAL A 279 4.80 10.46 -15.25
C VAL A 279 5.54 9.44 -14.39
N ASP A 280 5.04 8.22 -14.36
CA ASP A 280 5.76 7.11 -13.78
C ASP A 280 6.28 6.27 -14.94
N GLU A 281 7.53 6.51 -15.31
CA GLU A 281 8.13 5.79 -16.44
C GLU A 281 8.26 4.29 -16.17
N GLU A 282 8.36 3.93 -14.90
CA GLU A 282 8.60 2.53 -14.56
C GLU A 282 7.35 1.68 -14.75
N ARG A 283 6.22 2.12 -14.22
CA ARG A 283 5.01 1.34 -14.43
C ARG A 283 4.72 1.32 -15.91
N LEU A 284 4.92 2.47 -16.55
CA LEU A 284 4.68 2.58 -17.98
C LEU A 284 5.38 1.44 -18.72
N GLY A 285 6.65 1.24 -18.40
CA GLY A 285 7.47 0.21 -19.05
C GLY A 285 7.00 -1.19 -18.79
N LEU A 286 6.60 -1.46 -17.54
CA LEU A 286 6.01 -2.76 -17.18
C LEU A 286 4.82 -3.08 -18.09
N PHE A 287 3.89 -2.14 -18.22
CA PHE A 287 2.72 -2.35 -19.07
C PHE A 287 3.09 -2.65 -20.51
N SER A 288 3.96 -1.82 -21.09
CA SER A 288 4.42 -2.04 -22.45
C SER A 288 5.03 -3.43 -22.61
N LYS A 289 5.83 -3.83 -21.64
CA LYS A 289 6.48 -5.12 -21.70
C LYS A 289 5.43 -6.24 -21.66
N TYR A 290 4.44 -6.08 -20.79
CA TYR A 290 3.39 -7.09 -20.67
C TYR A 290 2.51 -7.08 -21.92
N SER A 291 2.07 -5.88 -22.32
CA SER A 291 1.29 -5.75 -23.53
C SER A 291 2.05 -6.36 -24.70
N GLN A 292 3.32 -5.99 -24.85
CA GLN A 292 4.16 -6.48 -25.93
C GLN A 292 4.18 -8.00 -25.95
N LEU A 293 4.54 -8.58 -24.80
CA LEU A 293 4.62 -10.02 -24.61
C LEU A 293 3.32 -10.70 -25.02
N HIS A 294 2.20 -10.14 -24.56
CA HIS A 294 0.88 -10.69 -24.82
C HIS A 294 0.48 -10.71 -26.29
N SER A 295 0.68 -9.58 -26.98
CA SER A 295 0.30 -9.48 -28.39
C SER A 295 1.24 -10.30 -29.27
N ARG A 296 2.47 -10.51 -28.81
CA ARG A 296 3.41 -11.36 -29.51
C ARG A 296 3.00 -12.82 -29.42
N TYR A 297 2.59 -13.26 -28.24
CA TYR A 297 2.23 -14.65 -28.07
C TYR A 297 0.92 -14.96 -28.79
N TYR A 298 -0.02 -14.02 -28.71
CA TYR A 298 -1.33 -14.25 -29.31
C TYR A 298 -1.51 -13.71 -30.73
N LYS A 299 -0.41 -13.29 -31.35
CA LYS A 299 -0.45 -12.71 -32.69
C LYS A 299 -1.64 -11.74 -32.81
N THR A 300 -1.67 -10.71 -31.97
CA THR A 300 -2.75 -9.74 -32.04
C THR A 300 -2.21 -8.38 -32.43
N LEU A 301 -3.08 -7.52 -32.92
CA LEU A 301 -2.65 -6.20 -33.31
C LEU A 301 -3.36 -5.12 -32.50
N PRO A 302 -2.75 -4.72 -31.37
CA PRO A 302 -3.29 -3.61 -30.58
C PRO A 302 -3.42 -2.37 -31.46
N ARG A 303 -4.61 -1.80 -31.53
CA ARG A 303 -4.81 -0.55 -32.25
C ARG A 303 -5.06 0.58 -31.24
N TYR A 304 -4.44 1.73 -31.44
CA TYR A 304 -4.65 2.88 -30.55
C TYR A 304 -5.06 4.16 -31.31
N ASN A 305 -6.21 4.72 -30.91
CA ASN A 305 -6.71 5.97 -31.47
C ASN A 305 -5.61 7.03 -31.52
N LYS A 306 -5.17 7.40 -32.72
CA LYS A 306 -4.24 8.53 -32.90
C LYS A 306 -4.64 9.61 -31.90
N ASP A 307 -3.68 10.15 -31.19
CA ASP A 307 -3.98 11.08 -30.12
C ASP A 307 -4.59 10.35 -28.92
N SER A 308 -4.20 9.10 -28.71
CA SER A 308 -4.51 8.44 -27.45
C SER A 308 -3.50 9.01 -26.49
N VAL A 309 -3.91 9.27 -25.25
CA VAL A 309 -2.97 9.86 -24.30
C VAL A 309 -1.80 8.93 -24.04
N LEU A 310 -2.12 7.64 -23.91
CA LEU A 310 -1.11 6.62 -23.63
C LEU A 310 0.02 6.63 -24.65
N VAL A 311 -0.33 6.71 -25.94
CA VAL A 311 0.66 6.74 -27.01
C VAL A 311 1.51 8.01 -26.98
N MET A 312 0.85 9.15 -26.81
CA MET A 312 1.56 10.42 -26.68
C MET A 312 2.62 10.37 -25.59
N VAL A 313 2.23 9.91 -24.39
CA VAL A 313 3.13 9.84 -23.26
C VAL A 313 4.26 8.84 -23.52
N SER A 314 3.90 7.69 -24.06
CA SER A 314 4.90 6.66 -24.31
C SER A 314 6.01 7.21 -25.19
N ARG A 315 5.65 8.10 -26.10
CA ARG A 315 6.63 8.65 -27.03
C ARG A 315 7.50 9.74 -26.42
N ALA A 316 6.89 10.63 -25.65
CA ALA A 316 7.65 11.63 -24.91
C ALA A 316 8.66 10.94 -24.00
N VAL A 317 8.30 9.78 -23.45
CA VAL A 317 9.19 9.02 -22.58
C VAL A 317 10.27 8.29 -23.37
N GLN A 318 9.90 7.79 -24.54
CA GLN A 318 10.85 7.06 -25.38
C GLN A 318 11.84 7.99 -26.08
N LYS A 319 11.49 9.26 -26.19
CA LYS A 319 12.42 10.29 -26.64
C LYS A 319 13.33 10.70 -25.50
N GLY A 320 12.84 10.53 -24.28
CA GLY A 320 13.52 11.04 -23.10
C GLY A 320 12.76 12.25 -22.60
N LEU A 321 12.47 12.29 -21.30
CA LEU A 321 11.72 13.41 -20.74
C LEU A 321 12.62 14.50 -20.20
N LYS A 322 12.30 15.74 -20.53
CA LYS A 322 13.02 16.87 -19.97
C LYS A 322 12.54 17.14 -18.54
N SER A 323 11.28 16.81 -18.27
CA SER A 323 10.65 17.09 -16.99
C SER A 323 9.86 15.87 -16.55
N PRO A 324 9.54 15.79 -15.24
CA PRO A 324 8.71 14.69 -14.73
C PRO A 324 7.22 14.97 -14.93
N TYR A 325 6.84 16.24 -14.95
CA TYR A 325 5.45 16.65 -15.02
C TYR A 325 4.78 16.40 -16.37
N LEU A 326 3.54 15.95 -16.32
CA LEU A 326 2.75 15.76 -17.54
C LEU A 326 2.57 17.08 -18.27
N ARG A 327 2.34 18.14 -17.51
CA ARG A 327 2.10 19.45 -18.09
C ARG A 327 3.22 19.83 -19.06
N ASP A 328 4.44 19.36 -18.79
CA ASP A 328 5.57 19.75 -19.63
C ASP A 328 5.78 18.83 -20.83
N ILE A 329 4.93 17.83 -20.98
CA ILE A 329 4.96 17.06 -22.21
C ILE A 329 4.48 17.97 -23.33
N PRO A 330 5.26 18.07 -24.42
CA PRO A 330 5.02 19.03 -25.50
C PRO A 330 3.53 19.27 -25.76
N HIS A 331 2.86 18.24 -26.26
CA HIS A 331 1.46 18.34 -26.67
C HIS A 331 0.52 18.80 -25.56
N VAL A 332 0.76 18.30 -24.35
CA VAL A 332 -0.06 18.71 -23.22
C VAL A 332 0.15 20.19 -22.93
N GLN A 333 1.42 20.60 -22.94
CA GLN A 333 1.81 21.99 -22.69
C GLN A 333 1.15 22.93 -23.69
N GLN A 334 1.13 22.55 -24.96
CA GLN A 334 0.52 23.37 -26.00
C GLN A 334 -0.99 23.55 -25.85
N THR A 335 -1.67 22.53 -25.33
CA THR A 335 -3.13 22.51 -25.29
C THR A 335 -3.62 22.71 -23.86
N LEU A 336 -2.69 23.06 -22.99
CA LEU A 336 -2.94 23.19 -21.56
C LEU A 336 -4.14 24.08 -21.18
N ALA A 337 -4.30 25.21 -21.85
CA ALA A 337 -5.35 26.17 -21.47
C ALA A 337 -6.74 25.54 -21.52
N ALA A 338 -6.95 24.74 -22.56
CA ALA A 338 -8.23 24.10 -22.82
C ALA A 338 -8.51 23.03 -21.77
N ARG A 339 -7.44 22.40 -21.28
CA ARG A 339 -7.53 21.32 -20.31
C ARG A 339 -7.84 21.76 -18.88
N MET A 340 -7.61 23.03 -18.54
CA MET A 340 -7.76 23.45 -17.16
C MET A 340 -8.88 24.46 -16.99
N ALA A 341 -9.19 24.78 -15.74
CA ALA A 341 -10.22 25.77 -15.43
C ALA A 341 -10.01 27.08 -16.22
N ALA A 342 -11.10 27.82 -16.45
CA ALA A 342 -11.05 29.03 -17.30
C ALA A 342 -10.15 30.14 -16.76
N MET B 25 35.28 5.18 10.46
CA MET B 25 35.41 3.86 9.83
C MET B 25 36.18 4.02 8.52
N ASN B 26 36.05 3.03 7.63
CA ASN B 26 36.81 3.00 6.38
C ASN B 26 36.66 4.20 5.44
N ARG B 27 35.44 4.74 5.32
CA ARG B 27 35.12 5.82 4.38
C ARG B 27 34.63 5.29 3.03
N GLU B 28 35.40 4.39 2.44
CA GLU B 28 35.01 3.73 1.19
C GLU B 28 33.95 2.68 1.48
N GLN B 29 34.05 2.06 2.66
CA GLN B 29 33.05 1.13 3.14
C GLN B 29 31.75 1.86 3.48
N VAL B 30 31.87 2.97 4.20
CA VAL B 30 30.70 3.76 4.57
C VAL B 30 29.88 4.20 3.35
N GLU B 31 30.53 4.29 2.20
CA GLU B 31 29.81 4.69 1.00
C GLU B 31 29.08 3.50 0.40
N GLN B 32 29.66 2.32 0.54
CA GLN B 32 29.01 1.10 0.07
C GLN B 32 27.81 0.76 0.96
N LEU B 33 27.85 1.18 2.23
CA LEU B 33 26.71 0.96 3.10
C LEU B 33 25.58 1.89 2.71
N LYS B 34 25.87 3.18 2.64
CA LYS B 34 24.86 4.14 2.20
C LYS B 34 24.27 3.72 0.85
N GLN B 35 25.13 3.21 -0.02
CA GLN B 35 24.70 2.84 -1.35
C GLN B 35 23.72 1.68 -1.29
N GLU B 36 24.11 0.64 -0.54
CA GLU B 36 23.30 -0.57 -0.36
C GLU B 36 21.95 -0.30 0.29
N TYR B 37 21.93 0.55 1.31
CA TYR B 37 20.70 0.88 2.00
C TYR B 37 19.77 1.63 1.05
N GLU B 38 20.35 2.39 0.13
CA GLU B 38 19.54 3.18 -0.79
C GLU B 38 18.84 2.28 -1.80
N GLU B 39 19.44 1.12 -2.05
CA GLU B 39 18.86 0.16 -2.98
C GLU B 39 17.91 -0.82 -2.30
N LYS B 40 18.35 -1.38 -1.16
CA LYS B 40 17.63 -2.49 -0.56
C LYS B 40 16.74 -2.10 0.62
N GLY B 41 17.02 -0.95 1.22
CA GLY B 41 16.33 -0.55 2.43
C GLY B 41 16.99 -1.11 3.67
N TYR B 42 18.13 -1.77 3.48
CA TYR B 42 18.86 -2.34 4.60
C TYR B 42 20.36 -2.45 4.30
N CYS B 43 21.14 -2.84 5.30
CA CYS B 43 22.53 -3.24 5.11
C CYS B 43 23.14 -3.92 6.33
N GLN B 44 23.91 -4.96 6.08
CA GLN B 44 24.70 -5.54 7.15
C GLN B 44 25.90 -4.63 7.47
N ILE B 45 26.06 -4.24 8.73
CA ILE B 45 27.20 -3.45 9.14
C ILE B 45 28.14 -4.28 9.98
N LYS B 46 29.30 -4.64 9.41
CA LYS B 46 30.27 -5.49 10.09
C LYS B 46 31.10 -4.76 11.16
N LYS B 47 31.35 -5.44 12.26
CA LYS B 47 32.20 -4.91 13.33
C LYS B 47 31.82 -3.51 13.79
N ILE B 48 30.57 -3.13 13.66
CA ILE B 48 30.13 -1.83 14.17
C ILE B 48 30.19 -1.70 15.71
N PHE B 49 30.09 -2.81 16.46
CA PHE B 49 30.23 -2.76 17.92
C PHE B 49 31.44 -3.57 18.34
N ASP B 50 32.04 -3.23 19.48
CA ASP B 50 33.16 -4.05 19.97
C ASP B 50 32.72 -5.10 20.99
N PHE B 51 33.53 -6.13 21.11
CA PHE B 51 33.16 -7.28 21.90
C PHE B 51 32.84 -6.87 23.32
N SER B 52 33.45 -5.78 23.75
CA SER B 52 33.22 -5.24 25.08
C SER B 52 31.77 -4.73 25.20
N ALA B 53 31.31 -3.99 24.20
CA ALA B 53 29.93 -3.54 24.15
C ALA B 53 28.98 -4.73 24.10
N ILE B 54 29.28 -5.71 23.24
CA ILE B 54 28.48 -6.92 23.16
C ILE B 54 28.32 -7.59 24.52
N LYS B 55 29.42 -7.73 25.26
CA LYS B 55 29.39 -8.36 26.59
C LYS B 55 28.52 -7.58 27.57
N THR B 56 28.55 -6.26 27.48
CA THR B 56 27.72 -5.43 28.33
C THR B 56 26.23 -5.62 28.06
N ILE B 57 25.85 -5.64 26.78
CA ILE B 57 24.48 -5.92 26.37
C ILE B 57 24.02 -7.32 26.84
N GLN B 58 24.86 -8.32 26.59
CA GLN B 58 24.60 -9.67 27.08
C GLN B 58 24.31 -9.69 28.58
N LYS B 59 25.18 -9.10 29.39
CA LYS B 59 25.00 -9.09 30.84
C LYS B 59 23.77 -8.29 31.26
N THR B 60 23.71 -7.02 30.85
CA THR B 60 22.60 -6.15 31.20
C THR B 60 21.25 -6.81 30.90
N LEU B 61 21.13 -7.34 29.70
CA LEU B 61 19.86 -7.92 29.25
C LEU B 61 19.48 -9.21 29.97
N ASP B 62 20.49 -9.99 30.34
CA ASP B 62 20.27 -11.24 31.08
C ASP B 62 19.74 -10.93 32.48
N GLN B 63 20.29 -9.91 33.11
CA GLN B 63 19.82 -9.49 34.42
C GLN B 63 18.40 -8.99 34.33
N ALA B 64 18.16 -8.12 33.35
CA ALA B 64 16.84 -7.55 33.13
C ALA B 64 15.83 -8.66 32.82
N LYS B 65 16.25 -9.60 31.98
CA LYS B 65 15.41 -10.71 31.59
C LYS B 65 15.03 -11.55 32.79
N GLN B 66 16.00 -11.79 33.66
CA GLN B 66 15.80 -12.63 34.84
C GLN B 66 14.75 -12.05 35.80
N GLU B 67 14.64 -10.73 35.86
CA GLU B 67 13.75 -10.08 36.83
C GLU B 67 12.24 -10.14 36.49
N SER B 68 11.90 -9.98 35.22
CA SER B 68 10.49 -9.94 34.85
C SER B 68 9.91 -11.27 34.33
N GLN B 69 8.59 -11.37 34.37
CA GLN B 69 7.86 -12.50 33.79
C GLN B 69 7.06 -12.02 32.58
N ILE B 70 7.31 -12.67 31.45
CA ILE B 70 6.83 -12.17 30.14
C ILE B 70 6.13 -13.26 29.30
N SER B 71 5.04 -12.87 28.65
CA SER B 71 4.16 -13.76 27.91
C SER B 71 4.33 -13.65 26.39
N LYS B 72 3.69 -14.54 25.63
CA LYS B 72 3.77 -14.54 24.17
C LYS B 72 2.69 -13.68 23.49
N GLU B 73 1.80 -13.08 24.29
CA GLU B 73 0.61 -12.44 23.72
C GLU B 73 0.86 -11.09 23.04
N LYS B 74 1.75 -10.26 23.61
CA LYS B 74 1.98 -8.91 23.07
C LYS B 74 2.74 -8.92 21.72
N VAL B 75 3.54 -9.97 21.51
CA VAL B 75 4.23 -10.21 20.24
C VAL B 75 3.29 -10.91 19.23
N THR B 76 2.36 -11.72 19.74
CA THR B 76 1.28 -12.31 18.90
C THR B 76 0.29 -11.25 18.42
N LEU B 77 -0.07 -10.31 19.29
CA LEU B 77 -0.91 -9.15 18.93
C LEU B 77 -0.21 -8.22 17.94
N LYS B 78 1.11 -8.08 18.11
CA LYS B 78 1.90 -7.19 17.27
C LYS B 78 1.96 -7.67 15.82
N LEU B 79 1.85 -8.97 15.59
CA LEU B 79 1.79 -9.47 14.21
C LEU B 79 0.36 -9.92 13.79
N GLY B 80 -0.64 -9.37 14.49
CA GLY B 80 -2.02 -9.45 14.07
C GLY B 80 -2.83 -10.63 14.56
N GLY B 81 -2.41 -11.23 15.67
CA GLY B 81 -3.12 -12.33 16.30
C GLY B 81 -2.95 -13.67 15.59
N ILE B 82 -1.94 -13.75 14.72
CA ILE B 82 -1.81 -14.88 13.81
C ILE B 82 -1.15 -16.13 14.41
N ASP B 83 -0.54 -16.00 15.59
CA ASP B 83 -0.10 -17.17 16.38
C ASP B 83 0.80 -18.16 15.62
N ASP B 84 1.68 -17.63 14.79
CA ASP B 84 2.75 -18.42 14.21
C ASP B 84 4.09 -17.93 14.80
N ILE B 85 4.01 -17.16 15.88
CA ILE B 85 5.21 -16.70 16.57
C ILE B 85 5.86 -17.82 17.39
N ASP B 86 7.09 -18.16 17.03
CA ASP B 86 7.77 -19.32 17.60
C ASP B 86 9.13 -18.91 18.21
N THR B 87 9.12 -17.85 19.01
CA THR B 87 10.34 -17.40 19.67
C THR B 87 10.39 -17.88 21.13
N ASN B 88 11.52 -17.69 21.80
CA ASN B 88 11.67 -18.02 23.21
C ASN B 88 11.53 -16.78 24.09
N ASP B 89 12.34 -15.77 23.79
CA ASP B 89 12.22 -14.46 24.40
C ASP B 89 11.57 -13.56 23.36
N HIS B 90 10.64 -12.73 23.83
CA HIS B 90 10.02 -11.69 23.02
C HIS B 90 9.68 -10.58 24.00
N ALA B 91 10.71 -9.89 24.50
CA ALA B 91 10.54 -8.88 25.54
C ALA B 91 10.78 -7.45 25.06
N TYR B 92 9.80 -6.58 25.30
CA TYR B 92 9.90 -5.19 24.86
C TYR B 92 10.33 -4.24 25.98
N ASP B 93 11.36 -3.43 25.69
CA ASP B 93 11.82 -2.39 26.62
C ASP B 93 12.31 -2.90 27.98
N LEU B 94 13.13 -3.94 27.97
CA LEU B 94 13.75 -4.44 29.19
C LEU B 94 14.66 -3.37 29.77
N VAL B 95 15.32 -2.61 28.91
CA VAL B 95 16.24 -1.58 29.32
C VAL B 95 15.84 -0.20 28.77
N LYS B 96 16.24 0.86 29.46
CA LYS B 96 15.81 2.23 29.11
C LYS B 96 16.65 2.91 28.03
N TYR B 97 16.18 4.08 27.60
CA TYR B 97 16.85 4.82 26.54
C TYR B 97 18.30 5.18 26.88
N ASP B 98 18.61 5.35 28.18
CA ASP B 98 19.94 5.83 28.55
C ASP B 98 20.99 4.72 28.47
N PHE B 99 20.63 3.52 28.87
CA PHE B 99 21.50 2.38 28.63
C PHE B 99 21.76 2.25 27.14
N VAL B 100 20.68 2.31 26.36
CA VAL B 100 20.81 2.07 24.94
C VAL B 100 21.69 3.14 24.34
N SER B 101 21.50 4.37 24.80
CA SER B 101 22.23 5.50 24.27
C SER B 101 23.73 5.32 24.51
N SER B 102 24.01 4.76 25.67
CA SER B 102 25.38 4.51 26.13
C SER B 102 26.25 3.75 25.12
N PHE B 103 25.64 2.97 24.23
CA PHE B 103 26.45 2.28 23.20
C PHE B 103 25.95 2.56 21.79
N ILE B 104 24.81 3.25 21.68
CA ILE B 104 24.22 3.51 20.38
C ILE B 104 24.51 4.93 19.91
N GLN B 105 24.51 5.88 20.84
CA GLN B 105 24.58 7.30 20.48
C GLN B 105 25.80 7.66 19.63
N GLU B 106 26.93 7.03 19.93
CA GLU B 106 28.12 7.24 19.11
C GLU B 106 28.04 6.63 17.71
N LYS B 107 26.90 6.02 17.38
CA LYS B 107 26.76 5.36 16.08
C LYS B 107 25.73 6.05 15.21
N LEU B 108 24.86 6.85 15.84
CA LEU B 108 23.78 7.53 15.13
C LEU B 108 24.30 8.35 13.94
N ALA B 109 25.49 8.91 14.07
CA ALA B 109 26.10 9.69 12.99
C ALA B 109 26.23 8.87 11.69
N LEU B 110 26.73 7.65 11.83
CA LEU B 110 26.89 6.74 10.69
C LEU B 110 25.55 6.33 10.10
N LEU B 111 24.56 6.15 10.97
CA LEU B 111 23.24 5.75 10.50
C LEU B 111 22.56 6.95 9.88
N ASN B 112 22.60 8.07 10.58
CA ASN B 112 22.06 9.33 10.07
C ASN B 112 22.58 9.60 8.68
N TYR B 113 23.85 9.29 8.48
CA TYR B 113 24.47 9.51 7.19
C TYR B 113 23.87 8.56 6.17
N ILE B 114 24.01 7.26 6.42
CA ILE B 114 23.48 6.21 5.56
C ILE B 114 22.04 6.45 5.08
N THR B 115 21.19 6.94 5.99
CA THR B 115 19.77 7.10 5.74
C THR B 115 19.36 8.53 5.39
N GLY B 116 20.30 9.46 5.52
CA GLY B 116 20.01 10.86 5.26
C GLY B 116 18.87 11.35 6.13
N LYS B 117 18.69 10.69 7.28
CA LYS B 117 17.65 11.10 8.21
C LYS B 117 18.35 11.57 9.47
N ASN B 118 17.56 11.96 10.46
CA ASN B 118 18.10 12.42 11.72
C ASN B 118 17.48 11.62 12.88
N LEU B 119 18.13 10.52 13.24
CA LEU B 119 17.53 9.45 14.04
C LEU B 119 17.36 9.70 15.54
N MET B 120 16.22 9.28 16.08
CA MET B 120 16.00 9.25 17.52
C MET B 120 15.85 7.81 18.02
N ILE B 121 16.64 7.46 19.03
CA ILE B 121 16.50 6.20 19.73
C ILE B 121 15.12 6.18 20.37
N MET B 122 14.38 5.09 20.21
CA MET B 122 13.05 5.02 20.82
C MET B 122 12.86 3.84 21.76
N HIS B 123 12.43 2.71 21.21
CA HIS B 123 12.13 1.53 22.01
C HIS B 123 13.01 0.36 21.55
N ASN B 124 13.00 -0.71 22.32
CA ASN B 124 13.86 -1.83 21.97
C ASN B 124 13.16 -3.15 22.20
N ALA B 125 13.72 -4.23 21.67
CA ALA B 125 13.20 -5.57 21.96
C ALA B 125 14.34 -6.57 22.06
N LEU B 126 14.09 -7.68 22.76
CA LEU B 126 15.03 -8.79 22.83
C LEU B 126 14.32 -10.05 22.35
N PHE B 127 14.85 -10.68 21.33
CA PHE B 127 14.27 -11.90 20.79
C PHE B 127 15.29 -13.03 20.92
N SER B 128 14.82 -14.22 21.28
CA SER B 128 15.70 -15.36 21.18
C SER B 128 14.93 -16.57 20.70
N VAL B 129 15.65 -17.54 20.16
CA VAL B 129 15.09 -18.76 19.65
C VAL B 129 15.96 -19.93 20.09
N GLU B 130 15.33 -21.08 20.34
CA GLU B 130 16.06 -22.32 20.58
C GLU B 130 16.20 -23.08 19.28
N PRO B 131 17.04 -24.12 19.28
CA PRO B 131 17.25 -24.82 18.00
C PRO B 131 15.96 -25.48 17.50
N ASN B 132 15.78 -25.44 16.20
CA ASN B 132 14.60 -26.03 15.57
C ASN B 132 13.28 -25.33 15.90
N HIS B 133 13.34 -24.02 16.06
CA HIS B 133 12.12 -23.24 16.16
C HIS B 133 12.07 -22.25 15.00
N LYS B 134 10.88 -21.81 14.65
CA LYS B 134 10.70 -20.96 13.49
C LYS B 134 11.02 -19.51 13.79
N GLY B 135 10.97 -19.14 15.07
CA GLY B 135 11.15 -17.76 15.46
C GLY B 135 10.03 -16.93 14.88
N LEU B 136 10.35 -15.72 14.42
CA LEU B 136 9.35 -14.86 13.82
C LEU B 136 9.17 -15.21 12.34
N PRO B 137 7.91 -15.13 11.83
CA PRO B 137 7.56 -15.41 10.43
C PRO B 137 7.83 -14.17 9.59
N TRP B 138 7.77 -14.29 8.26
CA TRP B 138 7.89 -13.12 7.39
C TRP B 138 7.01 -12.00 7.88
N HIS B 139 7.58 -10.80 8.03
CA HIS B 139 6.80 -9.64 8.43
C HIS B 139 7.48 -8.32 8.05
N VAL B 140 6.75 -7.21 8.13
CA VAL B 140 7.40 -5.90 8.10
C VAL B 140 7.25 -5.24 9.48
N GLY B 141 7.68 -4.01 9.62
CA GLY B 141 7.71 -3.43 10.95
C GLY B 141 6.38 -2.85 11.39
N VAL B 142 5.29 -3.32 10.80
CA VAL B 142 3.97 -2.73 11.08
C VAL B 142 3.55 -2.91 12.54
N GLY B 143 3.94 -4.03 13.16
CA GLY B 143 3.68 -4.22 14.58
C GLY B 143 4.57 -3.37 15.45
N SER B 144 5.85 -3.33 15.09
CA SER B 144 6.87 -2.62 15.86
C SER B 144 6.68 -1.10 15.89
N PHE B 145 6.27 -0.52 14.75
CA PHE B 145 6.02 0.92 14.68
C PHE B 145 4.51 1.23 14.59
N SER B 146 3.72 0.49 15.34
CA SER B 146 2.28 0.64 15.31
C SER B 146 1.82 2.05 15.67
N PHE B 147 2.50 2.70 16.61
CA PHE B 147 2.03 3.99 17.10
C PHE B 147 2.56 5.16 16.30
N THR B 148 3.22 4.90 15.18
CA THR B 148 3.67 5.98 14.30
C THR B 148 3.03 5.89 12.90
N LYS B 149 2.81 7.05 12.29
CA LYS B 149 2.26 7.11 10.95
C LYS B 149 3.10 6.32 9.97
N THR B 150 2.42 5.64 9.05
CA THR B 150 3.04 4.75 8.08
C THR B 150 4.11 5.42 7.24
N GLU B 151 3.84 6.62 6.75
CA GLU B 151 4.76 7.23 5.80
C GLU B 151 5.96 7.88 6.47
N ASP B 152 5.93 7.96 7.79
CA ASP B 152 7.03 8.55 8.56
C ASP B 152 8.13 7.52 8.81
N PHE B 153 9.37 7.98 8.88
CA PHE B 153 10.51 7.06 8.91
C PHE B 153 10.57 6.14 10.12
N GLY B 154 11.10 4.95 9.91
CA GLY B 154 11.32 4.01 10.98
C GLY B 154 12.42 3.06 10.55
N ALA B 155 13.28 2.68 11.47
CA ALA B 155 14.30 1.69 11.15
C ALA B 155 14.78 1.00 12.43
N SER B 156 15.53 -0.08 12.27
CA SER B 156 15.92 -0.86 13.43
C SER B 156 17.37 -1.29 13.32
N ILE B 157 18.00 -1.51 14.45
CA ILE B 157 19.30 -2.17 14.47
C ILE B 157 19.11 -3.50 15.19
N TRP B 158 19.52 -4.57 14.52
CA TRP B 158 19.43 -5.92 15.06
C TRP B 158 20.85 -6.39 15.44
N ILE B 159 21.07 -6.61 16.73
CA ILE B 159 22.39 -7.02 17.22
C ILE B 159 22.36 -8.48 17.68
N PRO B 160 22.94 -9.38 16.89
CA PRO B 160 23.03 -10.78 17.33
C PRO B 160 23.92 -10.89 18.57
N LEU B 161 23.43 -11.48 19.65
CA LEU B 161 24.25 -11.70 20.83
C LEU B 161 24.85 -13.11 20.82
N ASP B 162 24.67 -13.81 19.71
CA ASP B 162 25.19 -15.16 19.57
C ASP B 162 25.54 -15.38 18.11
N LYS B 163 26.68 -15.97 17.87
CA LYS B 163 27.24 -15.98 16.52
C LYS B 163 26.26 -16.63 15.55
N ILE B 164 26.09 -16.02 14.38
CA ILE B 164 25.31 -16.60 13.29
C ILE B 164 26.23 -17.14 12.19
N THR B 165 26.27 -18.47 12.04
CA THR B 165 27.19 -19.13 11.11
C THR B 165 26.46 -19.78 9.96
N LYS B 166 27.20 -20.11 8.90
CA LYS B 166 26.64 -20.81 7.77
C LYS B 166 26.09 -22.18 8.18
N GLU B 167 26.81 -22.88 9.05
CA GLU B 167 26.43 -24.24 9.47
C GLU B 167 25.28 -24.38 10.46
N HIS B 168 25.01 -23.35 11.27
CA HIS B 168 23.94 -23.48 12.24
C HIS B 168 22.83 -22.45 12.04
N ARG B 169 23.09 -21.49 11.19
CA ARG B 169 22.14 -20.43 10.86
C ARG B 169 21.51 -19.85 12.12
N GLY B 170 20.18 -19.77 12.17
CA GLY B 170 19.52 -19.25 13.35
C GLY B 170 19.46 -17.73 13.29
N GLY B 171 19.87 -17.18 12.16
CA GLY B 171 19.84 -15.74 11.99
C GLY B 171 18.53 -15.20 11.42
N MET B 172 18.65 -14.45 10.34
CA MET B 172 17.52 -13.79 9.70
C MET B 172 17.56 -13.86 8.18
N GLN B 173 16.40 -13.71 7.55
CA GLN B 173 16.37 -13.51 6.12
C GLN B 173 15.67 -12.21 5.86
N TYR B 174 16.10 -11.51 4.82
CA TYR B 174 15.60 -10.18 4.56
C TYR B 174 15.46 -9.96 3.07
N VAL B 175 14.52 -9.09 2.69
CA VAL B 175 14.21 -8.88 1.28
C VAL B 175 14.32 -7.40 0.92
N SER B 176 14.97 -7.14 -0.21
CA SER B 176 15.18 -5.78 -0.70
C SER B 176 13.85 -5.12 -0.95
N THR B 177 13.69 -3.89 -0.47
CA THR B 177 12.47 -3.15 -0.76
C THR B 177 12.25 -3.04 -2.28
N LYS B 178 13.33 -3.17 -3.04
CA LYS B 178 13.24 -3.13 -4.51
C LYS B 178 12.40 -4.30 -5.01
N ILE B 179 12.49 -5.43 -4.30
CA ILE B 179 11.73 -6.64 -4.59
C ILE B 179 10.38 -6.69 -3.85
N PHE B 180 10.35 -6.26 -2.59
CA PHE B 180 9.11 -6.28 -1.83
C PHE B 180 8.95 -4.96 -1.08
N PRO B 181 8.19 -4.04 -1.67
CA PRO B 181 8.02 -2.70 -1.08
C PRO B 181 6.92 -2.79 -0.05
N GLY B 182 7.32 -2.84 1.22
CA GLY B 182 6.48 -3.33 2.29
C GLY B 182 5.51 -2.30 2.79
N GLN B 183 5.69 -1.05 2.38
CA GLN B 183 4.74 0.00 2.77
C GLN B 183 3.28 -0.37 2.49
N PHE B 184 3.02 -1.16 1.45
CA PHE B 184 1.64 -1.52 1.12
C PHE B 184 1.05 -2.42 2.22
N TYR B 185 1.92 -3.19 2.86
CA TYR B 185 1.53 -4.15 3.89
C TYR B 185 0.90 -3.49 5.12
N TYR B 186 1.25 -2.24 5.37
CA TYR B 186 0.67 -1.51 6.50
C TYR B 186 -0.86 -1.35 6.40
N SER B 187 -1.37 -1.06 5.21
CA SER B 187 -2.84 -0.93 5.04
C SER B 187 -3.53 -2.26 5.12
N VAL B 188 -2.91 -3.27 4.50
CA VAL B 188 -3.45 -4.61 4.51
C VAL B 188 -3.62 -5.07 5.94
N PHE B 189 -2.60 -4.80 6.77
CA PHE B 189 -2.61 -5.14 8.17
C PHE B 189 -3.73 -4.37 8.89
N ASP B 190 -3.74 -3.06 8.73
CA ASP B 190 -4.79 -2.23 9.33
C ASP B 190 -6.21 -2.71 8.97
N LEU B 191 -6.39 -3.18 7.73
CA LEU B 191 -7.68 -3.75 7.35
C LEU B 191 -8.02 -4.97 8.21
N HIS B 192 -7.01 -5.81 8.40
CA HIS B 192 -7.10 -7.03 9.18
C HIS B 192 -7.46 -6.69 10.62
N LEU B 193 -6.67 -5.80 11.22
CA LEU B 193 -6.93 -5.29 12.55
C LEU B 193 -8.37 -4.85 12.72
N LYS B 194 -8.85 -4.02 11.79
CA LYS B 194 -10.24 -3.54 11.82
C LYS B 194 -11.21 -4.71 11.85
N ASN B 195 -10.89 -5.78 11.13
CA ASN B 195 -11.74 -6.96 11.18
C ASN B 195 -11.68 -7.69 12.53
N ASN B 196 -10.47 -7.92 13.04
CA ASN B 196 -10.27 -8.46 14.39
C ASN B 196 -11.27 -7.87 15.38
N ILE B 197 -11.35 -6.55 15.37
CA ILE B 197 -12.12 -5.75 16.33
C ILE B 197 -13.65 -5.80 16.14
N LYS B 198 -14.11 -6.47 15.09
CA LYS B 198 -15.54 -6.67 14.89
C LYS B 198 -15.93 -8.03 15.44
N TRP B 199 -15.10 -8.56 16.33
CA TRP B 199 -15.34 -9.91 16.84
C TRP B 199 -16.47 -9.91 17.82
N ASP B 200 -17.01 -11.10 18.06
CA ASP B 200 -18.26 -11.24 18.76
C ASP B 200 -18.44 -12.61 19.42
N GLU B 201 -19.04 -12.64 20.61
CA GLU B 201 -19.34 -13.89 21.30
C GLU B 201 -19.87 -14.92 20.32
N SER B 202 -20.94 -14.55 19.63
CA SER B 202 -21.58 -15.39 18.62
C SER B 202 -20.61 -16.00 17.59
N GLN B 203 -19.40 -15.43 17.51
CA GLN B 203 -18.42 -15.84 16.50
C GLN B 203 -17.52 -16.97 16.97
N GLY B 204 -17.52 -17.21 18.29
CA GLY B 204 -16.72 -18.29 18.84
C GLY B 204 -15.39 -17.81 19.36
N ASP B 205 -14.45 -18.75 19.49
CA ASP B 205 -13.13 -18.44 20.02
C ASP B 205 -12.39 -17.34 19.26
N LEU B 206 -12.17 -16.21 19.91
CA LEU B 206 -11.51 -15.05 19.29
C LEU B 206 -10.29 -15.40 18.40
N ASN B 207 -9.33 -16.13 18.93
CA ASN B 207 -8.13 -16.44 18.16
C ASN B 207 -8.41 -17.22 16.89
N GLU B 208 -9.43 -18.07 16.91
CA GLU B 208 -9.75 -18.82 15.72
C GLU B 208 -10.48 -17.91 14.74
N TYR B 209 -11.34 -17.05 15.26
CA TYR B 209 -11.99 -16.04 14.44
C TYR B 209 -10.91 -15.25 13.68
N VAL B 210 -9.96 -14.69 14.42
CA VAL B 210 -8.94 -13.84 13.83
C VAL B 210 -8.10 -14.58 12.81
N ALA B 211 -7.91 -15.88 13.00
CA ALA B 211 -6.99 -16.63 12.12
C ALA B 211 -7.68 -17.23 10.90
N ASN B 212 -8.99 -17.38 10.95
CA ASN B 212 -9.69 -17.93 9.80
C ASN B 212 -10.44 -16.85 8.98
N ALA B 213 -10.52 -15.65 9.53
CA ALA B 213 -11.17 -14.54 8.86
C ALA B 213 -10.61 -14.38 7.45
N ASN B 214 -11.50 -14.19 6.49
CA ASN B 214 -11.11 -14.13 5.10
C ASN B 214 -10.60 -12.72 4.72
N THR B 215 -9.66 -12.22 5.52
CA THR B 215 -9.05 -10.92 5.24
C THR B 215 -7.94 -11.08 4.21
N ILE B 216 -7.46 -9.96 3.67
CA ILE B 216 -6.38 -10.00 2.69
C ILE B 216 -5.09 -10.41 3.39
N TYR B 217 -4.89 -9.85 4.58
CA TYR B 217 -3.78 -10.26 5.44
C TYR B 217 -3.66 -11.77 5.54
N ASN B 218 -4.77 -12.45 5.85
CA ASN B 218 -4.71 -13.90 6.04
C ASN B 218 -4.47 -14.66 4.74
N LYS B 219 -4.65 -13.96 3.61
CA LYS B 219 -4.48 -14.56 2.29
C LYS B 219 -3.01 -14.61 1.93
N ILE B 220 -2.26 -13.63 2.39
CA ILE B 220 -0.82 -13.58 2.17
C ILE B 220 -0.11 -14.62 3.04
N THR B 221 -0.07 -15.85 2.54
CA THR B 221 0.55 -16.95 3.25
C THR B 221 2.03 -17.06 2.90
N GLU B 222 2.73 -17.96 3.56
CA GLU B 222 4.14 -18.16 3.27
C GLU B 222 4.35 -18.57 1.81
N ASP B 223 3.41 -19.33 1.26
CA ASP B 223 3.46 -19.75 -0.13
C ASP B 223 3.41 -18.53 -1.05
N VAL B 224 2.47 -17.64 -0.77
CA VAL B 224 2.35 -16.39 -1.54
C VAL B 224 3.62 -15.57 -1.44
N ILE B 225 4.14 -15.40 -0.21
CA ILE B 225 5.39 -14.68 -0.02
C ILE B 225 6.50 -15.32 -0.82
N ASP B 226 6.62 -16.64 -0.68
CA ASP B 226 7.64 -17.36 -1.45
C ASP B 226 7.50 -17.11 -2.95
N TYR B 227 6.27 -17.24 -3.47
CA TYR B 227 6.05 -17.04 -4.89
C TYR B 227 6.43 -15.62 -5.28
N THR B 228 6.11 -14.67 -4.41
CA THR B 228 6.45 -13.27 -4.66
C THR B 228 7.96 -12.99 -4.73
N ILE B 229 8.70 -13.32 -3.68
CA ILE B 229 10.14 -12.99 -3.61
C ILE B 229 11.10 -13.99 -4.25
N LYS B 230 10.68 -15.25 -4.36
CA LYS B 230 11.55 -16.30 -4.90
C LYS B 230 12.78 -16.44 -4.02
N ASP B 231 13.94 -16.22 -4.63
CA ASP B 231 15.22 -16.25 -3.93
C ASP B 231 15.80 -14.84 -3.78
N GLY B 232 14.92 -13.84 -3.81
CA GLY B 232 15.37 -12.47 -3.69
C GLY B 232 15.96 -12.17 -2.32
N TYR B 233 15.57 -12.94 -1.32
CA TYR B 233 16.02 -12.70 0.04
C TYR B 233 17.52 -12.91 0.19
N GLU B 234 18.08 -12.33 1.26
CA GLU B 234 19.46 -12.64 1.64
C GLU B 234 19.55 -13.08 3.08
N GLU B 235 20.63 -13.75 3.40
CA GLU B 235 20.82 -14.29 4.72
C GLU B 235 22.32 -14.35 5.00
N ASP B 236 22.82 -13.44 5.84
CA ASP B 236 24.25 -13.30 6.06
C ASP B 236 24.75 -13.99 7.33
N GLU B 237 26.05 -14.25 7.39
CA GLU B 237 26.65 -14.70 8.65
C GLU B 237 27.02 -13.52 9.51
N TYR B 238 27.02 -13.70 10.82
CA TYR B 238 27.27 -12.60 11.75
C TYR B 238 28.21 -13.00 12.86
N ASN B 239 29.35 -12.32 12.97
CA ASN B 239 30.18 -12.49 14.17
C ASN B 239 29.71 -11.46 15.18
N LEU B 240 29.98 -11.71 16.47
CA LEU B 240 29.52 -10.77 17.49
C LEU B 240 30.20 -9.43 17.25
N GLY B 241 29.41 -8.37 17.20
CA GLY B 241 29.94 -7.09 16.80
C GLY B 241 29.33 -6.65 15.48
N ASP B 242 28.95 -7.61 14.64
CA ASP B 242 28.20 -7.29 13.41
C ASP B 242 26.78 -6.90 13.78
N ALA B 243 26.12 -6.14 12.93
CA ALA B 243 24.71 -5.83 13.14
C ALA B 243 24.00 -5.69 11.82
N PHE B 244 22.67 -5.71 11.87
CA PHE B 244 21.88 -5.59 10.64
C PHE B 244 20.98 -4.39 10.81
N PHE B 245 21.02 -3.51 9.81
CA PHE B 245 20.28 -2.26 9.84
C PHE B 245 19.21 -2.22 8.73
N PHE B 246 17.97 -1.89 9.08
CA PHE B 246 16.87 -1.98 8.11
C PHE B 246 15.71 -1.07 8.45
N ASN B 247 15.09 -0.46 7.44
CA ASN B 247 13.91 0.37 7.66
C ASN B 247 12.66 -0.49 7.84
N LYS B 248 11.54 0.13 8.19
CA LYS B 248 10.35 -0.63 8.59
C LYS B 248 9.53 -1.23 7.44
N TYR B 249 10.00 -1.04 6.21
CA TYR B 249 9.36 -1.63 5.03
C TYR B 249 10.08 -2.88 4.52
N VAL B 250 11.15 -3.29 5.20
CA VAL B 250 11.86 -4.47 4.76
C VAL B 250 11.19 -5.69 5.34
N LEU B 251 10.76 -6.60 4.46
CA LEU B 251 10.27 -7.90 4.87
C LEU B 251 11.40 -8.83 5.38
N HIS B 252 11.20 -9.44 6.55
CA HIS B 252 12.24 -10.23 7.19
C HIS B 252 11.63 -11.29 8.12
N GLN B 253 12.41 -12.31 8.45
CA GLN B 253 11.96 -13.35 9.37
C GLN B 253 13.17 -14.03 10.02
N SER B 254 12.91 -14.81 11.06
CA SER B 254 13.93 -15.64 11.71
C SER B 254 14.10 -16.93 10.94
N VAL B 255 15.33 -17.43 10.91
CA VAL B 255 15.66 -18.69 10.26
C VAL B 255 15.91 -19.65 11.41
N PRO B 256 15.54 -20.92 11.25
CA PRO B 256 15.70 -21.82 12.39
C PRO B 256 17.17 -22.06 12.75
N LEU B 257 17.43 -22.28 14.03
CA LEU B 257 18.77 -22.51 14.53
C LEU B 257 19.04 -24.00 14.58
N LYS B 258 19.97 -24.48 13.76
CA LYS B 258 20.37 -25.89 13.85
C LYS B 258 21.14 -26.15 15.18
N PRO B 259 20.90 -27.30 15.82
CA PRO B 259 21.53 -27.54 17.13
C PRO B 259 23.01 -27.89 17.03
N GLY B 260 23.70 -27.77 18.16
CA GLY B 260 25.10 -28.16 18.29
C GLY B 260 26.06 -26.99 18.46
N LEU B 261 25.52 -25.81 18.74
CA LEU B 261 26.32 -24.60 18.84
C LEU B 261 25.83 -23.71 19.98
N HIS B 262 24.60 -23.23 19.88
CA HIS B 262 23.97 -22.41 20.91
C HIS B 262 22.82 -23.16 21.53
N LYS B 263 22.61 -22.99 22.84
CA LYS B 263 21.42 -23.52 23.47
C LYS B 263 20.26 -22.60 23.11
N LEU B 264 20.61 -21.34 22.87
CA LEU B 264 19.66 -20.26 22.64
C LEU B 264 20.40 -19.14 21.92
N ARG B 265 19.85 -18.61 20.82
CA ARG B 265 20.47 -17.39 20.27
C ARG B 265 19.60 -16.16 20.46
N ARG B 266 20.22 -15.11 20.98
CA ARG B 266 19.50 -13.88 21.31
C ARG B 266 19.83 -12.79 20.30
N ALA B 267 18.94 -11.83 20.17
CA ALA B 267 19.26 -10.62 19.43
C ALA B 267 18.64 -9.46 20.20
N PHE B 268 19.37 -8.36 20.30
CA PHE B 268 18.83 -7.16 20.88
C PHE B 268 18.54 -6.19 19.74
N VAL B 269 17.33 -5.67 19.72
CA VAL B 269 16.88 -4.83 18.63
C VAL B 269 16.53 -3.43 19.09
N ILE B 270 17.19 -2.43 18.52
CA ILE B 270 16.88 -1.05 18.80
C ILE B 270 16.02 -0.43 17.70
N ARG B 271 14.90 0.16 18.09
CA ARG B 271 14.01 0.84 17.15
C ARG B 271 14.31 2.32 17.10
N LEU B 272 14.36 2.87 15.89
CA LEU B 272 14.68 4.28 15.67
C LEU B 272 13.59 4.95 14.85
N VAL B 273 13.33 6.23 15.13
CA VAL B 273 12.48 7.07 14.28
C VAL B 273 13.25 8.28 13.71
N ASP B 274 12.53 9.19 13.07
CA ASP B 274 13.14 10.43 12.59
C ASP B 274 12.77 11.55 13.53
N TYR B 275 13.54 12.65 13.50
CA TYR B 275 13.18 13.85 14.26
C TYR B 275 11.71 14.30 14.04
N ASP B 276 11.20 14.08 12.83
CA ASP B 276 9.87 14.55 12.41
C ASP B 276 8.78 13.47 12.39
N THR B 277 9.08 12.29 12.91
CA THR B 277 8.13 11.21 12.91
C THR B 277 6.97 11.49 13.88
N ARG B 278 5.76 11.16 13.45
CA ARG B 278 4.57 11.55 14.19
C ARG B 278 3.82 10.36 14.73
N VAL B 279 3.00 10.62 15.74
CA VAL B 279 2.13 9.61 16.31
C VAL B 279 0.98 9.35 15.36
N ASP B 280 0.47 8.12 15.38
CA ASP B 280 -0.72 7.76 14.64
C ASP B 280 -1.72 7.28 15.67
N GLU B 281 -2.57 8.18 16.14
CA GLU B 281 -3.51 7.85 17.21
C GLU B 281 -4.51 6.80 16.73
N GLU B 282 -4.70 6.77 15.43
CA GLU B 282 -5.72 5.88 14.87
C GLU B 282 -5.26 4.43 14.95
N ARG B 283 -4.04 4.16 14.49
CA ARG B 283 -3.58 2.79 14.61
C ARG B 283 -3.43 2.45 16.08
N LEU B 284 -2.85 3.38 16.83
CA LEU B 284 -2.65 3.14 18.24
C LEU B 284 -3.97 2.67 18.87
N GLY B 285 -5.06 3.32 18.48
CA GLY B 285 -6.38 3.05 19.03
C GLY B 285 -6.92 1.69 18.67
N LEU B 286 -6.80 1.32 17.39
CA LEU B 286 -7.12 -0.03 16.94
C LEU B 286 -6.38 -1.08 17.78
N PHE B 287 -5.07 -0.89 17.94
CA PHE B 287 -4.25 -1.83 18.71
C PHE B 287 -4.73 -2.05 20.14
N SER B 288 -5.11 -0.96 20.80
CA SER B 288 -5.57 -1.04 22.18
C SER B 288 -6.93 -1.71 22.25
N LYS B 289 -7.76 -1.45 21.24
CA LYS B 289 -9.09 -2.03 21.21
C LYS B 289 -8.97 -3.53 21.05
N TYR B 290 -8.06 -3.96 20.18
CA TYR B 290 -7.85 -5.38 19.95
C TYR B 290 -7.17 -6.02 21.16
N SER B 291 -6.11 -5.40 21.63
CA SER B 291 -5.46 -5.84 22.86
C SER B 291 -6.50 -6.02 23.96
N GLN B 292 -7.31 -4.99 24.17
CA GLN B 292 -8.29 -4.98 25.24
C GLN B 292 -9.31 -6.10 25.06
N LEU B 293 -9.84 -6.19 23.85
CA LEU B 293 -10.78 -7.23 23.48
C LEU B 293 -10.20 -8.62 23.77
N HIS B 294 -8.93 -8.80 23.41
CA HIS B 294 -8.23 -10.07 23.63
C HIS B 294 -8.06 -10.42 25.11
N SER B 295 -7.60 -9.47 25.92
CA SER B 295 -7.38 -9.75 27.34
C SER B 295 -8.70 -9.97 28.06
N ARG B 296 -9.75 -9.28 27.61
CA ARG B 296 -11.08 -9.50 28.17
C ARG B 296 -11.54 -10.93 27.92
N TYR B 297 -11.58 -11.34 26.66
CA TYR B 297 -12.05 -12.69 26.35
C TYR B 297 -11.24 -13.76 27.08
N TYR B 298 -9.93 -13.61 27.11
CA TYR B 298 -9.10 -14.68 27.67
C TYR B 298 -8.74 -14.55 29.16
N LYS B 299 -9.22 -13.50 29.81
CA LYS B 299 -8.90 -13.25 31.22
C LYS B 299 -7.38 -13.16 31.39
N THR B 300 -6.77 -12.23 30.66
CA THR B 300 -5.33 -12.10 30.79
C THR B 300 -4.96 -10.74 31.33
N LEU B 301 -3.74 -10.66 31.82
CA LEU B 301 -3.25 -9.44 32.41
C LEU B 301 -1.94 -9.03 31.75
N PRO B 302 -2.04 -8.22 30.68
CA PRO B 302 -0.86 -7.69 29.99
C PRO B 302 -0.01 -6.87 30.94
N ARG B 303 1.28 -7.18 31.02
CA ARG B 303 2.18 -6.41 31.87
C ARG B 303 3.12 -5.60 30.99
N TYR B 304 3.34 -4.33 31.33
CA TYR B 304 4.25 -3.49 30.54
C TYR B 304 5.39 -2.91 31.39
N ASN B 305 6.61 -3.24 30.98
CA ASN B 305 7.81 -2.71 31.63
C ASN B 305 7.65 -1.21 31.86
N LYS B 306 7.65 -0.80 33.12
CA LYS B 306 7.53 0.63 33.45
C LYS B 306 8.46 1.33 32.49
N ASP B 307 8.02 2.45 31.94
CA ASP B 307 8.83 3.14 30.93
C ASP B 307 8.91 2.30 29.66
N SER B 308 7.79 1.70 29.29
CA SER B 308 7.66 1.12 27.97
C SER B 308 7.27 2.30 27.10
N VAL B 309 7.81 2.33 25.88
CA VAL B 309 7.52 3.44 24.99
C VAL B 309 6.04 3.45 24.64
N LEU B 310 5.50 2.26 24.39
CA LEU B 310 4.09 2.12 24.05
C LEU B 310 3.18 2.75 25.08
N VAL B 311 3.44 2.46 26.35
CA VAL B 311 2.67 3.03 27.45
C VAL B 311 2.87 4.54 27.58
N MET B 312 4.09 4.99 27.39
CA MET B 312 4.40 6.42 27.48
C MET B 312 3.64 7.23 26.45
N VAL B 313 3.55 6.69 25.23
CA VAL B 313 2.87 7.36 24.13
C VAL B 313 1.37 7.29 24.35
N SER B 314 0.93 6.14 24.81
CA SER B 314 -0.49 5.90 25.01
C SER B 314 -1.04 6.92 25.99
N ARG B 315 -0.26 7.24 27.01
CA ARG B 315 -0.67 8.23 28.00
C ARG B 315 -0.76 9.65 27.44
N ALA B 316 0.30 10.09 26.77
CA ALA B 316 0.26 11.39 26.11
C ALA B 316 -1.01 11.52 25.25
N VAL B 317 -1.26 10.52 24.40
CA VAL B 317 -2.41 10.54 23.50
C VAL B 317 -3.74 10.62 24.24
N GLN B 318 -3.85 9.85 25.34
CA GLN B 318 -5.05 9.83 26.17
C GLN B 318 -5.31 11.20 26.83
N LYS B 319 -4.25 11.83 27.33
CA LYS B 319 -4.33 13.20 27.83
C LYS B 319 -4.73 14.16 26.72
N GLY B 320 -4.35 13.82 25.49
CA GLY B 320 -4.54 14.71 24.36
C GLY B 320 -3.21 15.31 23.94
N LEU B 321 -2.90 15.22 22.64
CA LEU B 321 -1.63 15.70 22.15
C LEU B 321 -1.66 17.17 21.75
N LYS B 322 -0.61 17.89 22.14
CA LYS B 322 -0.43 19.28 21.70
C LYS B 322 0.21 19.31 20.31
N SER B 323 1.03 18.31 20.03
CA SER B 323 1.71 18.20 18.74
C SER B 323 1.56 16.78 18.22
N PRO B 324 1.71 16.60 16.90
CA PRO B 324 1.69 15.26 16.29
C PRO B 324 3.07 14.59 16.42
N TYR B 325 4.10 15.38 16.65
CA TYR B 325 5.46 14.88 16.66
C TYR B 325 5.82 14.12 17.95
N LEU B 326 6.51 12.99 17.80
CA LEU B 326 6.99 12.21 18.94
C LEU B 326 7.88 13.06 19.83
N ARG B 327 8.82 13.76 19.20
CA ARG B 327 9.75 14.63 19.90
C ARG B 327 9.06 15.61 20.84
N ASP B 328 7.83 16.01 20.53
CA ASP B 328 7.14 16.96 21.40
C ASP B 328 6.39 16.28 22.54
N ILE B 329 6.49 14.96 22.61
CA ILE B 329 5.95 14.26 23.76
C ILE B 329 6.86 14.65 24.90
N PRO B 330 6.31 14.88 26.08
CA PRO B 330 7.09 15.42 27.18
C PRO B 330 8.26 14.57 27.65
N HIS B 331 8.07 13.27 27.86
CA HIS B 331 9.18 12.45 28.31
C HIS B 331 10.27 12.40 27.27
N VAL B 332 9.85 12.28 26.02
CA VAL B 332 10.78 12.24 24.90
C VAL B 332 11.56 13.55 24.80
N GLN B 333 10.84 14.67 24.92
CA GLN B 333 11.46 15.99 24.81
C GLN B 333 12.56 16.18 25.86
N GLN B 334 12.25 15.84 27.10
CA GLN B 334 13.22 15.98 28.18
C GLN B 334 14.49 15.19 27.92
N THR B 335 14.32 13.97 27.40
CA THR B 335 15.42 13.04 27.23
C THR B 335 15.96 13.05 25.81
N LEU B 336 15.55 14.06 25.05
CA LEU B 336 15.82 14.10 23.62
C LEU B 336 17.30 14.04 23.25
N ALA B 337 18.16 14.66 24.06
CA ALA B 337 19.59 14.73 23.72
C ALA B 337 20.25 13.35 23.79
N ALA B 338 19.94 12.59 24.83
CA ALA B 338 20.43 11.23 24.94
C ALA B 338 20.07 10.40 23.69
N ARG B 339 18.92 10.71 23.08
CA ARG B 339 18.37 9.92 21.98
C ARG B 339 18.96 10.18 20.60
N MET B 340 19.57 11.34 20.42
CA MET B 340 20.04 11.69 19.08
C MET B 340 21.55 11.76 19.01
N ALA B 341 22.08 11.99 17.80
CA ALA B 341 23.54 12.09 17.62
C ALA B 341 24.18 13.21 18.46
N ALA B 342 25.43 12.97 18.86
CA ALA B 342 26.19 13.91 19.71
C ALA B 342 26.04 15.38 19.30
#